data_6G3C
#
_entry.id   6G3C
#
_cell.length_a   46.310
_cell.length_b   56.270
_cell.length_c   61.130
_cell.angle_alpha   90.010
_cell.angle_beta   101.440
_cell.angle_gamma   108.440
#
_symmetry.space_group_name_H-M   'P 1'
#
loop_
_entity.id
_entity.type
_entity.pdbx_description
1 polymer 'Tyrosine-protein kinase'
2 non-polymer 2-[[3,5-bis(fluoranyl)-4-oxidanyl-phenyl]amino]-5,7,7-trimethyl-8-(3-methylbutyl)pteridin-6-one
3 non-polymer 1,2-ETHANEDIOL
4 water water
#
_entity_poly.entity_id   1
_entity_poly.type   'polypeptide(L)'
_entity_poly.pdbx_seq_one_letter_code
;FHKIRNEDLIFNESLGQGTFTKIFKGVRREVGDYGQLHETEVLLKVLDKAHRNYSESFFEAASMMSKLSHKHLVLNYGVC
FCGDENILVQEFVKFGSLDTYLKKNKNCINILWKLEVAKQLAAAMHFLEENTLIHGNVCAKNILLIREEDRKTGNPPFIK
LSDPGISITVLPKDILQERIPWVPPECIENPKNLNLATDKWSFGTTLWEICSGGDKPLSALDSQRKLQFYEDRHQLPAPK
AAELANLINNCMDYEPDHRPSFRAIIRDLNSL
;
_entity_poly.pdbx_strand_id   A,B
#
# COMPACT_ATOMS: atom_id res chain seq x y z
N PHE A 1 -5.70 -20.97 0.34
CA PHE A 1 -6.93 -20.21 0.11
C PHE A 1 -7.97 -20.45 1.21
N HIS A 2 -8.72 -19.39 1.57
CA HIS A 2 -9.82 -19.48 2.54
C HIS A 2 -10.91 -20.34 1.89
N LYS A 3 -11.44 -21.31 2.64
CA LYS A 3 -12.48 -22.21 2.19
C LYS A 3 -13.82 -21.59 2.59
N ILE A 4 -14.66 -21.27 1.61
CA ILE A 4 -15.99 -20.71 1.88
C ILE A 4 -16.98 -21.87 1.96
N ARG A 5 -17.79 -21.92 3.03
CA ARG A 5 -18.80 -22.97 3.23
C ARG A 5 -19.84 -22.90 2.09
N ASN A 6 -20.25 -24.08 1.59
CA ASN A 6 -21.25 -24.25 0.52
C ASN A 6 -22.52 -23.48 0.89
N GLU A 7 -22.99 -23.63 2.14
CA GLU A 7 -24.20 -23.00 2.67
C GLU A 7 -24.12 -21.47 2.67
N ASP A 8 -22.89 -20.90 2.62
CA ASP A 8 -22.69 -19.46 2.66
C ASP A 8 -22.62 -18.80 1.29
N LEU A 9 -22.66 -19.60 0.22
CA LEU A 9 -22.56 -19.08 -1.16
C LEU A 9 -23.78 -19.47 -1.98
N ILE A 10 -24.33 -18.49 -2.69
CA ILE A 10 -25.50 -18.69 -3.56
C ILE A 10 -25.12 -18.17 -4.96
N PHE A 11 -25.38 -18.96 -5.99
CA PHE A 11 -25.16 -18.58 -7.38
C PHE A 11 -26.33 -17.77 -7.90
N ASN A 12 -26.03 -16.67 -8.57
CA ASN A 12 -27.02 -15.86 -9.27
C ASN A 12 -26.72 -15.88 -10.77
N GLU A 13 -26.97 -14.77 -11.47
CA GLU A 13 -26.94 -14.78 -12.94
C GLU A 13 -25.59 -15.06 -13.56
N SER A 14 -25.62 -15.69 -14.74
CA SER A 14 -24.45 -15.92 -15.56
C SER A 14 -24.05 -14.55 -16.11
N LEU A 15 -22.78 -14.21 -16.02
CA LEU A 15 -22.23 -12.94 -16.53
C LEU A 15 -21.43 -13.08 -17.81
N GLY A 16 -20.84 -14.24 -18.01
CA GLY A 16 -20.01 -14.48 -19.17
C GLY A 16 -19.14 -15.69 -19.01
N GLN A 17 -18.02 -15.65 -19.73
CA GLN A 17 -17.08 -16.76 -19.71
C GLN A 17 -15.65 -16.28 -19.82
N GLY A 18 -14.76 -17.11 -19.32
CA GLY A 18 -13.32 -16.94 -19.44
C GLY A 18 -12.80 -18.17 -20.13
N THR A 19 -11.47 -18.31 -20.21
CA THR A 19 -10.90 -19.48 -20.86
C THR A 19 -11.19 -20.75 -20.06
N PHE A 20 -12.04 -21.63 -20.61
CA PHE A 20 -12.50 -22.91 -20.00
C PHE A 20 -13.26 -22.68 -18.68
N THR A 21 -13.86 -21.49 -18.52
CA THR A 21 -14.61 -21.14 -17.31
C THR A 21 -15.96 -20.49 -17.61
N LYS A 22 -16.86 -20.54 -16.62
CA LYS A 22 -18.16 -19.89 -16.67
C LYS A 22 -18.15 -18.93 -15.50
N ILE A 23 -18.67 -17.71 -15.71
CA ILE A 23 -18.58 -16.66 -14.72
C ILE A 23 -19.98 -16.24 -14.30
N PHE A 24 -20.20 -16.16 -12.98
CA PHE A 24 -21.48 -15.83 -12.40
C PHE A 24 -21.37 -14.75 -11.36
N LYS A 25 -22.47 -14.06 -11.14
CA LYS A 25 -22.62 -13.19 -9.99
C LYS A 25 -23.10 -14.13 -8.88
N GLY A 26 -22.74 -13.83 -7.65
CA GLY A 26 -23.19 -14.64 -6.53
C GLY A 26 -23.35 -13.82 -5.26
N VAL A 27 -23.81 -14.46 -4.19
CA VAL A 27 -23.94 -13.77 -2.89
C VAL A 27 -23.29 -14.65 -1.86
N ARG A 28 -22.50 -14.02 -0.98
CA ARG A 28 -21.81 -14.68 0.10
C ARG A 28 -22.29 -14.09 1.41
N ARG A 29 -22.65 -14.96 2.36
CA ARG A 29 -23.07 -14.54 3.69
C ARG A 29 -21.80 -14.66 4.54
N GLU A 30 -21.35 -13.55 5.15
CA GLU A 30 -20.08 -13.55 5.88
C GLU A 30 -20.09 -12.68 7.12
N VAL A 31 -19.26 -13.05 8.11
CA VAL A 31 -19.03 -12.26 9.31
C VAL A 31 -17.99 -11.21 8.92
N GLY A 32 -18.34 -9.95 9.09
CA GLY A 32 -17.49 -8.82 8.71
C GLY A 32 -16.92 -8.09 9.89
N ASP A 33 -16.51 -6.83 9.66
CA ASP A 33 -15.93 -5.99 10.73
C ASP A 33 -16.93 -5.83 11.85
N TYR A 34 -16.42 -5.87 13.12
CA TYR A 34 -17.23 -5.72 14.32
C TYR A 34 -18.29 -6.86 14.47
N GLY A 35 -18.08 -7.97 13.76
CA GLY A 35 -18.96 -9.12 13.83
C GLY A 35 -20.28 -8.94 13.10
N GLN A 36 -20.40 -7.88 12.28
CA GLN A 36 -21.63 -7.59 11.54
C GLN A 36 -21.77 -8.63 10.44
N LEU A 37 -22.98 -9.17 10.25
CA LEU A 37 -23.23 -10.12 9.18
C LEU A 37 -23.58 -9.33 7.92
N HIS A 38 -22.96 -9.68 6.80
CA HIS A 38 -23.21 -9.01 5.52
C HIS A 38 -23.57 -10.08 4.49
N GLU A 39 -24.34 -9.67 3.48
CA GLU A 39 -24.71 -10.46 2.31
C GLU A 39 -23.97 -9.69 1.24
N THR A 40 -22.79 -10.20 0.88
CA THR A 40 -21.89 -9.52 -0.05
C THR A 40 -21.99 -10.10 -1.45
N GLU A 41 -22.12 -9.23 -2.45
CA GLU A 41 -22.10 -9.66 -3.86
C GLU A 41 -20.68 -10.08 -4.18
N VAL A 42 -20.54 -11.20 -4.90
CA VAL A 42 -19.23 -11.77 -5.25
C VAL A 42 -19.23 -12.20 -6.73
N LEU A 43 -18.03 -12.36 -7.30
CA LEU A 43 -17.83 -12.83 -8.66
C LEU A 43 -17.37 -14.29 -8.52
N LEU A 44 -18.06 -15.20 -9.21
CA LEU A 44 -17.78 -16.62 -9.12
C LEU A 44 -17.19 -17.08 -10.44
N LYS A 45 -15.97 -17.61 -10.41
CA LYS A 45 -15.36 -18.18 -11.61
C LYS A 45 -15.39 -19.69 -11.41
N VAL A 46 -16.06 -20.40 -12.32
CA VAL A 46 -16.22 -21.85 -12.20
C VAL A 46 -15.48 -22.53 -13.33
N LEU A 47 -14.50 -23.38 -13.00
CA LEU A 47 -13.78 -24.12 -14.04
C LEU A 47 -14.71 -25.14 -14.69
N ASP A 48 -14.72 -25.21 -16.03
CA ASP A 48 -15.58 -26.18 -16.74
C ASP A 48 -15.28 -27.62 -16.27
N LYS A 49 -16.32 -28.44 -15.98
CA LYS A 49 -16.14 -29.84 -15.56
C LYS A 49 -15.31 -30.65 -16.58
N ALA A 50 -15.49 -30.35 -17.88
CA ALA A 50 -14.80 -31.04 -18.96
C ALA A 50 -13.32 -30.67 -19.02
N HIS A 51 -12.91 -29.60 -18.28
CA HIS A 51 -11.53 -29.14 -18.29
C HIS A 51 -10.86 -29.18 -16.89
N ARG A 52 -11.23 -30.21 -16.08
CA ARG A 52 -10.66 -30.41 -14.74
C ARG A 52 -9.13 -30.60 -14.77
N ASN A 53 -8.57 -30.99 -15.94
CA ASN A 53 -7.12 -31.19 -16.09
C ASN A 53 -6.35 -29.88 -15.87
N TYR A 54 -7.04 -28.72 -16.00
CA TYR A 54 -6.40 -27.42 -15.78
C TYR A 54 -6.60 -26.86 -14.36
N SER A 55 -7.21 -27.63 -13.40
CA SER A 55 -7.50 -27.11 -12.06
C SER A 55 -6.29 -26.49 -11.35
N GLU A 56 -5.10 -27.11 -11.43
CA GLU A 56 -3.88 -26.56 -10.79
C GLU A 56 -3.54 -25.16 -11.31
N SER A 57 -3.52 -24.97 -12.64
CA SER A 57 -3.20 -23.66 -13.23
C SER A 57 -4.31 -22.66 -12.96
N PHE A 58 -5.57 -23.12 -12.94
CA PHE A 58 -6.75 -22.30 -12.66
C PHE A 58 -6.64 -21.65 -11.27
N PHE A 59 -6.30 -22.45 -10.24
CA PHE A 59 -6.16 -21.93 -8.87
C PHE A 59 -4.83 -21.22 -8.64
N GLU A 60 -3.72 -21.72 -9.23
CA GLU A 60 -2.41 -21.08 -9.08
C GLU A 60 -2.44 -19.63 -9.60
N ALA A 61 -3.23 -19.38 -10.68
CA ALA A 61 -3.45 -18.06 -11.29
C ALA A 61 -3.88 -17.04 -10.27
N ALA A 62 -4.84 -17.41 -9.40
CA ALA A 62 -5.36 -16.50 -8.40
C ALA A 62 -4.52 -16.49 -7.13
N SER A 63 -3.98 -17.67 -6.75
CA SER A 63 -3.18 -17.83 -5.54
C SER A 63 -1.94 -16.92 -5.47
N MET A 64 -1.12 -16.91 -6.53
CA MET A 64 0.15 -16.14 -6.50
C MET A 64 -0.06 -14.65 -6.31
N MET A 65 -1.11 -14.10 -6.95
CA MET A 65 -1.46 -12.70 -6.84
C MET A 65 -2.14 -12.36 -5.52
N SER A 66 -2.90 -13.33 -4.91
CA SER A 66 -3.59 -13.19 -3.62
C SER A 66 -2.58 -13.04 -2.45
N LYS A 67 -1.35 -13.48 -2.67
CA LYS A 67 -0.25 -13.38 -1.69
C LYS A 67 0.23 -11.92 -1.61
N LEU A 68 -0.20 -11.08 -2.55
CA LEU A 68 0.15 -9.67 -2.61
C LEU A 68 -1.10 -8.83 -2.36
N SER A 69 -0.88 -7.64 -1.80
CA SER A 69 -1.97 -6.70 -1.54
C SER A 69 -1.59 -5.46 -2.30
N HIS A 70 -2.50 -4.92 -3.10
CA HIS A 70 -2.24 -3.66 -3.84
C HIS A 70 -3.57 -3.04 -4.17
N LYS A 71 -3.67 -1.69 -4.13
CA LYS A 71 -4.96 -1.01 -4.41
C LYS A 71 -5.51 -1.31 -5.81
N HIS A 72 -4.64 -1.60 -6.78
CA HIS A 72 -5.07 -1.92 -8.15
C HIS A 72 -5.08 -3.43 -8.52
N LEU A 73 -5.06 -4.31 -7.51
CA LEU A 73 -5.16 -5.75 -7.77
C LEU A 73 -6.42 -6.29 -7.10
N VAL A 74 -7.15 -7.17 -7.82
CA VAL A 74 -8.39 -7.76 -7.36
C VAL A 74 -8.25 -8.42 -5.99
N LEU A 75 -9.33 -8.34 -5.23
CA LEU A 75 -9.46 -8.99 -3.95
C LEU A 75 -10.08 -10.38 -4.19
N ASN A 76 -9.37 -11.42 -3.73
CA ASN A 76 -9.82 -12.82 -3.75
C ASN A 76 -10.40 -13.13 -2.38
N TYR A 77 -11.58 -13.74 -2.35
CA TYR A 77 -12.25 -14.05 -1.07
C TYR A 77 -11.98 -15.47 -0.63
N GLY A 78 -11.83 -16.35 -1.60
CA GLY A 78 -11.53 -17.74 -1.32
C GLY A 78 -12.03 -18.67 -2.40
N VAL A 79 -12.13 -19.94 -2.04
CA VAL A 79 -12.57 -21.01 -2.92
C VAL A 79 -13.74 -21.75 -2.32
N CYS A 80 -14.50 -22.40 -3.19
CA CYS A 80 -15.63 -23.25 -2.81
C CYS A 80 -15.56 -24.51 -3.65
N PHE A 81 -15.80 -25.67 -3.03
CA PHE A 81 -15.76 -26.95 -3.74
C PHE A 81 -17.13 -27.66 -3.80
N CYS A 82 -18.23 -26.92 -3.55
CA CYS A 82 -19.61 -27.42 -3.56
C CYS A 82 -19.89 -28.27 -4.79
N GLY A 83 -20.32 -29.52 -4.56
CA GLY A 83 -20.63 -30.50 -5.60
C GLY A 83 -19.45 -30.82 -6.49
N ASP A 84 -18.24 -31.00 -5.88
CA ASP A 84 -16.96 -31.30 -6.54
C ASP A 84 -16.46 -30.18 -7.48
N GLU A 85 -17.26 -29.10 -7.70
CA GLU A 85 -16.95 -27.96 -8.58
C GLU A 85 -15.70 -27.22 -8.14
N ASN A 86 -14.98 -26.58 -9.09
CA ASN A 86 -13.78 -25.79 -8.80
C ASN A 86 -14.17 -24.33 -8.96
N ILE A 87 -14.39 -23.62 -7.84
CA ILE A 87 -14.92 -22.26 -7.84
C ILE A 87 -14.03 -21.27 -7.15
N LEU A 88 -13.72 -20.17 -7.87
CA LEU A 88 -12.93 -19.06 -7.35
CA LEU A 88 -12.93 -19.09 -7.31
C LEU A 88 -13.91 -17.97 -6.96
N VAL A 89 -13.75 -17.40 -5.76
CA VAL A 89 -14.65 -16.34 -5.29
C VAL A 89 -13.87 -15.06 -5.21
N GLN A 90 -14.31 -14.00 -5.94
CA GLN A 90 -13.59 -12.71 -5.94
C GLN A 90 -14.58 -11.55 -5.71
N GLU A 91 -14.02 -10.34 -5.50
CA GLU A 91 -14.87 -9.16 -5.32
C GLU A 91 -15.69 -8.90 -6.59
N PHE A 92 -16.89 -8.36 -6.43
CA PHE A 92 -17.78 -8.04 -7.54
C PHE A 92 -17.96 -6.54 -7.66
N VAL A 93 -18.01 -6.03 -8.89
CA VAL A 93 -18.29 -4.62 -9.18
C VAL A 93 -19.47 -4.56 -10.12
N LYS A 94 -20.39 -3.60 -9.90
CA LYS A 94 -21.56 -3.49 -10.77
C LYS A 94 -21.21 -3.01 -12.17
N PHE A 95 -20.04 -2.35 -12.31
CA PHE A 95 -19.67 -1.73 -13.58
C PHE A 95 -19.07 -2.67 -14.62
N GLY A 96 -18.75 -3.90 -14.23
CA GLY A 96 -18.24 -4.91 -15.13
C GLY A 96 -16.79 -4.72 -15.54
N SER A 97 -16.40 -5.44 -16.59
CA SER A 97 -15.03 -5.38 -17.10
C SER A 97 -14.77 -4.10 -17.89
N LEU A 98 -13.50 -3.72 -17.98
CA LEU A 98 -13.09 -2.51 -18.68
C LEU A 98 -13.45 -2.55 -20.16
N ASP A 99 -13.30 -3.70 -20.83
CA ASP A 99 -13.57 -3.78 -22.27
C ASP A 99 -15.01 -3.41 -22.62
N THR A 100 -15.98 -3.95 -21.85
CA THR A 100 -17.39 -3.66 -22.07
C THR A 100 -17.71 -2.23 -21.66
N TYR A 101 -17.08 -1.74 -20.56
CA TYR A 101 -17.31 -0.37 -20.11
C TYR A 101 -16.86 0.64 -21.18
N LEU A 102 -15.68 0.41 -21.79
CA LEU A 102 -15.15 1.30 -22.83
C LEU A 102 -16.13 1.40 -24.00
N LYS A 103 -16.72 0.27 -24.41
CA LYS A 103 -17.63 0.17 -25.55
C LYS A 103 -18.97 0.87 -25.24
N LYS A 104 -19.55 0.59 -24.07
CA LYS A 104 -20.82 1.18 -23.64
C LYS A 104 -20.72 2.69 -23.44
N ASN A 105 -19.54 3.19 -23.03
CA ASN A 105 -19.35 4.61 -22.73
C ASN A 105 -18.35 5.33 -23.66
N LYS A 106 -18.20 4.83 -24.90
CA LYS A 106 -17.28 5.36 -25.91
C LYS A 106 -17.46 6.85 -26.20
N ASN A 107 -18.72 7.33 -26.24
CA ASN A 107 -19.02 8.74 -26.53
C ASN A 107 -18.71 9.70 -25.35
N CYS A 108 -18.59 9.15 -24.11
CA CYS A 108 -18.36 9.93 -22.89
C CYS A 108 -16.94 9.85 -22.33
N ILE A 109 -16.13 8.93 -22.85
CA ILE A 109 -14.75 8.73 -22.38
C ILE A 109 -13.75 9.55 -23.20
N ASN A 110 -13.08 10.50 -22.55
CA ASN A 110 -12.09 11.35 -23.22
C ASN A 110 -10.63 10.89 -22.96
N ILE A 111 -9.65 11.61 -23.53
CA ILE A 111 -8.24 11.26 -23.40
C ILE A 111 -7.76 11.30 -21.94
N LEU A 112 -8.27 12.23 -21.11
CA LEU A 112 -7.83 12.28 -19.71
C LEU A 112 -8.30 11.05 -18.92
N TRP A 113 -9.51 10.55 -19.23
CA TRP A 113 -10.06 9.34 -18.60
C TRP A 113 -9.13 8.17 -18.96
N LYS A 114 -8.82 8.03 -20.28
CA LYS A 114 -7.95 6.97 -20.79
C LYS A 114 -6.56 7.03 -20.15
N LEU A 115 -5.98 8.23 -20.04
CA LEU A 115 -4.66 8.42 -19.44
C LEU A 115 -4.66 8.00 -17.97
N GLU A 116 -5.71 8.37 -17.22
CA GLU A 116 -5.83 8.01 -15.80
C GLU A 116 -5.87 6.49 -15.66
N VAL A 117 -6.73 5.83 -16.46
CA VAL A 117 -6.83 4.37 -16.37
C VAL A 117 -5.50 3.72 -16.80
N ALA A 118 -4.81 4.26 -17.83
CA ALA A 118 -3.53 3.71 -18.26
C ALA A 118 -2.49 3.82 -17.10
N LYS A 119 -2.47 4.97 -16.40
CA LYS A 119 -1.54 5.17 -15.27
C LYS A 119 -1.80 4.14 -14.16
N GLN A 120 -3.07 3.87 -13.88
CA GLN A 120 -3.43 2.91 -12.84
C GLN A 120 -2.99 1.50 -13.23
N LEU A 121 -3.27 1.09 -14.51
CA LEU A 121 -2.82 -0.22 -14.95
C LEU A 121 -1.29 -0.31 -14.91
N ALA A 122 -0.59 0.78 -15.32
CA ALA A 122 0.87 0.79 -15.29
C ALA A 122 1.36 0.68 -13.82
N ALA A 123 0.65 1.30 -12.87
CA ALA A 123 1.01 1.22 -11.44
C ALA A 123 0.94 -0.24 -10.93
N ALA A 124 -0.12 -0.98 -11.31
CA ALA A 124 -0.28 -2.38 -10.91
C ALA A 124 0.85 -3.17 -11.53
N MET A 125 1.15 -2.92 -12.83
CA MET A 125 2.19 -3.67 -13.52
C MET A 125 3.58 -3.40 -12.96
N HIS A 126 3.87 -2.13 -12.56
CA HIS A 126 5.14 -1.79 -11.93
C HIS A 126 5.29 -2.56 -10.60
N PHE A 127 4.19 -2.65 -9.82
CA PHE A 127 4.18 -3.35 -8.55
C PHE A 127 4.52 -4.83 -8.81
N LEU A 128 3.88 -5.44 -9.82
CA LEU A 128 4.13 -6.84 -10.14
C LEU A 128 5.59 -7.01 -10.60
N GLU A 129 6.10 -6.10 -11.44
CA GLU A 129 7.47 -6.18 -11.96
C GLU A 129 8.48 -6.09 -10.79
N GLU A 130 8.26 -5.15 -9.85
CA GLU A 130 9.12 -4.98 -8.66
C GLU A 130 9.13 -6.27 -7.79
N ASN A 131 8.01 -7.03 -7.82
CA ASN A 131 7.86 -8.29 -7.11
C ASN A 131 8.26 -9.50 -7.98
N THR A 132 8.80 -9.24 -9.20
CA THR A 132 9.19 -10.26 -10.20
C THR A 132 8.05 -11.30 -10.39
N LEU A 133 6.80 -10.83 -10.42
CA LEU A 133 5.64 -11.71 -10.60
C LEU A 133 5.03 -11.52 -11.99
N ILE A 134 5.09 -12.56 -12.82
CA ILE A 134 4.52 -12.55 -14.17
C ILE A 134 3.00 -12.65 -14.04
N HIS A 135 2.26 -11.82 -14.80
CA HIS A 135 0.81 -11.94 -14.84
C HIS A 135 0.46 -12.91 -15.97
N GLY A 136 0.82 -12.57 -17.22
CA GLY A 136 0.66 -13.47 -18.35
C GLY A 136 -0.63 -13.37 -19.12
N ASN A 137 -1.58 -12.54 -18.66
CA ASN A 137 -2.83 -12.35 -19.42
C ASN A 137 -3.41 -10.97 -19.18
N VAL A 138 -2.60 -9.93 -19.44
CA VAL A 138 -3.06 -8.55 -19.31
C VAL A 138 -3.95 -8.20 -20.49
N CYS A 139 -5.21 -7.86 -20.21
CA CYS A 139 -6.18 -7.46 -21.25
C CYS A 139 -7.32 -6.73 -20.56
N ALA A 140 -8.08 -5.95 -21.33
CA ALA A 140 -9.16 -5.16 -20.75
C ALA A 140 -10.27 -6.03 -20.17
N LYS A 141 -10.47 -7.28 -20.71
CA LYS A 141 -11.49 -8.18 -20.17
C LYS A 141 -11.16 -8.60 -18.72
N ASN A 142 -9.86 -8.58 -18.37
CA ASN A 142 -9.39 -8.98 -17.05
C ASN A 142 -9.27 -7.79 -16.07
N ILE A 143 -9.76 -6.63 -16.47
CA ILE A 143 -9.71 -5.45 -15.60
C ILE A 143 -11.14 -5.10 -15.17
N LEU A 144 -11.33 -4.82 -13.88
CA LEU A 144 -12.64 -4.45 -13.34
C LEU A 144 -12.69 -2.95 -13.08
N LEU A 145 -13.82 -2.32 -13.40
CA LEU A 145 -14.00 -0.91 -13.09
C LEU A 145 -14.71 -0.81 -11.72
N ILE A 146 -13.97 -0.35 -10.71
CA ILE A 146 -14.45 -0.19 -9.34
C ILE A 146 -15.36 1.02 -9.20
N ARG A 147 -14.95 2.11 -9.82
CA ARG A 147 -15.62 3.39 -9.64
C ARG A 147 -15.61 4.16 -10.92
N GLU A 148 -16.75 4.79 -11.24
CA GLU A 148 -16.81 5.60 -12.44
C GLU A 148 -16.26 6.98 -12.07
N GLU A 149 -15.89 7.76 -13.08
CA GLU A 149 -15.52 9.16 -12.92
C GLU A 149 -16.68 9.86 -12.22
N ASP A 150 -16.36 10.74 -11.26
CA ASP A 150 -17.38 11.52 -10.55
C ASP A 150 -16.93 12.97 -10.60
N ARG A 151 -17.44 13.72 -11.57
CA ARG A 151 -17.13 15.14 -11.74
C ARG A 151 -17.66 16.01 -10.58
N LYS A 152 -18.70 15.56 -9.85
CA LYS A 152 -19.24 16.29 -8.68
C LYS A 152 -18.18 16.39 -7.56
N THR A 153 -17.35 15.34 -7.40
CA THR A 153 -16.32 15.29 -6.34
C THR A 153 -14.90 15.42 -6.91
N GLY A 154 -14.77 15.40 -8.22
CA GLY A 154 -13.47 15.43 -8.90
C GLY A 154 -12.74 14.10 -8.82
N ASN A 155 -13.48 13.03 -8.50
CA ASN A 155 -12.92 11.68 -8.38
C ASN A 155 -12.74 11.07 -9.77
N PRO A 156 -11.54 10.50 -10.01
CA PRO A 156 -11.29 9.85 -11.31
C PRO A 156 -11.90 8.45 -11.35
N PRO A 157 -11.94 7.79 -12.53
CA PRO A 157 -12.35 6.36 -12.56
C PRO A 157 -11.29 5.55 -11.81
N PHE A 158 -11.66 4.37 -11.32
CA PHE A 158 -10.66 3.57 -10.59
C PHE A 158 -10.79 2.11 -11.06
N ILE A 159 -9.67 1.48 -11.37
CA ILE A 159 -9.70 0.09 -11.90
C ILE A 159 -8.84 -0.88 -11.06
N LYS A 160 -9.14 -2.16 -11.23
CA LYS A 160 -8.24 -3.18 -10.65
C LYS A 160 -7.98 -4.26 -11.71
N LEU A 161 -6.79 -4.80 -11.69
CA LEU A 161 -6.42 -5.90 -12.57
C LEU A 161 -6.71 -7.22 -11.85
N SER A 162 -7.42 -8.13 -12.52
CA SER A 162 -7.74 -9.42 -11.94
C SER A 162 -6.69 -10.48 -12.32
N ASP A 163 -6.92 -11.74 -11.96
CA ASP A 163 -5.94 -12.80 -12.19
C ASP A 163 -5.91 -13.22 -13.70
N PRO A 164 -4.81 -13.86 -14.14
CA PRO A 164 -4.69 -14.21 -15.56
C PRO A 164 -5.49 -15.41 -16.04
N GLY A 165 -6.06 -16.17 -15.11
CA GLY A 165 -6.71 -17.44 -15.44
C GLY A 165 -5.68 -18.49 -15.85
N ILE A 166 -6.11 -19.60 -16.43
CA ILE A 166 -5.20 -20.69 -16.83
C ILE A 166 -4.03 -20.16 -17.67
N SER A 167 -2.80 -20.51 -17.30
CA SER A 167 -1.55 -20.06 -17.93
C SER A 167 -1.44 -20.41 -19.41
N ILE A 168 -0.86 -19.50 -20.22
CA ILE A 168 -0.59 -19.81 -21.63
C ILE A 168 0.45 -20.95 -21.77
N THR A 169 1.23 -21.23 -20.69
CA THR A 169 2.21 -22.34 -20.73
C THR A 169 1.55 -23.73 -20.80
N VAL A 170 0.25 -23.82 -20.46
CA VAL A 170 -0.46 -25.11 -20.49
C VAL A 170 -1.65 -25.12 -21.47
N LEU A 171 -2.00 -23.97 -22.04
CA LEU A 171 -3.15 -23.91 -22.96
C LEU A 171 -2.86 -24.47 -24.34
N PRO A 172 -3.92 -24.95 -25.05
CA PRO A 172 -3.72 -25.44 -26.42
C PRO A 172 -3.25 -24.32 -27.36
N LYS A 173 -2.44 -24.70 -28.37
CA LYS A 173 -1.90 -23.77 -29.38
C LYS A 173 -2.97 -22.88 -30.02
N ASP A 174 -4.14 -23.46 -30.38
CA ASP A 174 -5.25 -22.75 -31.02
C ASP A 174 -5.78 -21.58 -30.18
N ILE A 175 -5.86 -21.77 -28.85
CA ILE A 175 -6.26 -20.70 -27.91
C ILE A 175 -5.22 -19.58 -27.92
N LEU A 176 -3.92 -19.92 -27.86
CA LEU A 176 -2.87 -18.89 -27.88
C LEU A 176 -2.92 -18.08 -29.18
N GLN A 177 -3.16 -18.77 -30.31
CA GLN A 177 -3.20 -18.07 -31.61
C GLN A 177 -4.37 -17.12 -31.66
N GLU A 178 -5.55 -17.55 -31.11
CA GLU A 178 -6.72 -16.68 -31.05
C GLU A 178 -6.44 -15.45 -30.21
N ARG A 179 -5.53 -15.57 -29.21
CA ARG A 179 -5.14 -14.50 -28.28
C ARG A 179 -4.13 -13.49 -28.84
N ILE A 180 -3.71 -13.68 -30.11
CA ILE A 180 -2.86 -12.65 -30.75
C ILE A 180 -3.81 -11.47 -30.95
N PRO A 181 -3.43 -10.21 -30.68
CA PRO A 181 -2.09 -9.71 -30.36
C PRO A 181 -1.81 -9.45 -28.88
N TRP A 182 -2.57 -10.08 -27.95
CA TRP A 182 -2.25 -9.94 -26.52
C TRP A 182 -1.06 -10.85 -26.22
N VAL A 183 -1.05 -12.07 -26.77
CA VAL A 183 0.06 -13.01 -26.62
C VAL A 183 1.19 -12.54 -27.56
N PRO A 184 2.38 -12.25 -27.02
CA PRO A 184 3.48 -11.73 -27.86
C PRO A 184 4.06 -12.74 -28.82
N PRO A 185 4.78 -12.27 -29.86
CA PRO A 185 5.34 -13.21 -30.86
C PRO A 185 6.21 -14.32 -30.31
N GLU A 186 7.06 -14.03 -29.30
CA GLU A 186 7.95 -15.07 -28.74
C GLU A 186 7.17 -16.20 -28.05
N CYS A 187 5.97 -15.89 -27.51
CA CYS A 187 5.14 -16.90 -26.87
C CYS A 187 4.36 -17.74 -27.85
N ILE A 188 4.17 -17.20 -29.06
CA ILE A 188 3.56 -17.95 -30.18
C ILE A 188 4.62 -18.94 -30.67
N GLU A 189 5.90 -18.48 -30.71
CA GLU A 189 7.03 -19.33 -31.10
C GLU A 189 7.21 -20.47 -30.10
N ASN A 190 7.10 -20.16 -28.80
CA ASN A 190 7.20 -21.12 -27.70
C ASN A 190 6.56 -20.53 -26.43
N PRO A 191 5.48 -21.15 -25.90
CA PRO A 191 4.85 -20.62 -24.66
C PRO A 191 5.78 -20.62 -23.43
N LYS A 192 6.88 -21.42 -23.48
CA LYS A 192 7.89 -21.42 -22.42
C LYS A 192 8.64 -20.06 -22.36
N ASN A 193 8.48 -19.20 -23.39
CA ASN A 193 9.08 -17.87 -23.42
C ASN A 193 8.34 -16.88 -22.53
N LEU A 194 7.28 -17.32 -21.83
CA LEU A 194 6.53 -16.45 -20.92
C LEU A 194 7.52 -15.86 -19.92
N ASN A 195 7.50 -14.53 -19.78
CA ASN A 195 8.51 -13.79 -19.02
C ASN A 195 7.89 -12.46 -18.60
N LEU A 196 8.56 -11.70 -17.72
CA LEU A 196 8.07 -10.37 -17.38
C LEU A 196 7.89 -9.52 -18.66
N ALA A 197 8.76 -9.76 -19.69
CA ALA A 197 8.67 -9.03 -20.97
C ALA A 197 7.33 -9.26 -21.65
N THR A 198 6.70 -10.45 -21.45
CA THR A 198 5.37 -10.73 -22.02
C THR A 198 4.36 -9.66 -21.60
N ASP A 199 4.36 -9.28 -20.31
CA ASP A 199 3.40 -8.32 -19.77
C ASP A 199 3.55 -6.93 -20.35
N LYS A 200 4.79 -6.55 -20.74
CA LYS A 200 4.99 -5.22 -21.34
C LYS A 200 4.27 -5.21 -22.72
N TRP A 201 4.42 -6.31 -23.50
CA TRP A 201 3.76 -6.40 -24.80
C TRP A 201 2.22 -6.32 -24.59
N SER A 202 1.68 -7.21 -23.74
CA SER A 202 0.24 -7.26 -23.48
C SER A 202 -0.33 -5.93 -22.93
N PHE A 203 0.46 -5.20 -22.13
CA PHE A 203 0.09 -3.88 -21.64
C PHE A 203 -0.11 -2.93 -22.86
N GLY A 204 0.79 -3.01 -23.85
CA GLY A 204 0.67 -2.25 -25.08
C GLY A 204 -0.66 -2.55 -25.77
N THR A 205 -1.01 -3.85 -25.86
CA THR A 205 -2.27 -4.23 -26.51
C THR A 205 -3.46 -3.71 -25.70
N THR A 206 -3.36 -3.77 -24.37
CA THR A 206 -4.45 -3.32 -23.48
C THR A 206 -4.60 -1.80 -23.61
N LEU A 207 -3.49 -1.08 -23.74
CA LEU A 207 -3.55 0.36 -23.95
C LEU A 207 -4.28 0.68 -25.27
N TRP A 208 -4.02 -0.13 -26.30
CA TRP A 208 -4.69 0.02 -27.60
C TRP A 208 -6.21 -0.17 -27.38
N GLU A 209 -6.60 -1.20 -26.59
CA GLU A 209 -8.02 -1.41 -26.29
C GLU A 209 -8.58 -0.15 -25.62
N ILE A 210 -7.84 0.40 -24.64
CA ILE A 210 -8.30 1.60 -23.89
C ILE A 210 -8.50 2.78 -24.82
N CYS A 211 -7.61 2.94 -25.79
CA CYS A 211 -7.68 4.06 -26.75
C CYS A 211 -8.67 3.84 -27.88
N SER A 212 -9.18 2.62 -28.06
CA SER A 212 -10.07 2.25 -29.18
C SER A 212 -11.54 2.02 -28.85
N GLY A 213 -11.99 2.48 -27.68
CA GLY A 213 -13.37 2.33 -27.22
C GLY A 213 -13.88 0.92 -27.18
N GLY A 214 -13.07 -0.01 -26.67
CA GLY A 214 -13.47 -1.40 -26.55
C GLY A 214 -13.45 -2.21 -27.84
N ASP A 215 -12.79 -1.71 -28.91
CA ASP A 215 -12.62 -2.49 -30.14
C ASP A 215 -11.59 -3.54 -29.77
N LYS A 216 -11.61 -4.70 -30.42
CA LYS A 216 -10.63 -5.75 -30.14
C LYS A 216 -9.65 -5.75 -31.32
N PRO A 217 -8.36 -5.53 -31.05
CA PRO A 217 -7.38 -5.42 -32.16
C PRO A 217 -7.32 -6.70 -32.96
N LEU A 218 -7.31 -6.58 -34.32
CA LEU A 218 -7.22 -7.72 -35.22
C LEU A 218 -8.40 -8.70 -35.11
N SER A 219 -9.56 -8.25 -34.58
CA SER A 219 -10.73 -9.10 -34.44
C SER A 219 -11.21 -9.63 -35.82
N ALA A 220 -10.89 -8.89 -36.91
CA ALA A 220 -11.28 -9.28 -38.29
C ALA A 220 -10.39 -10.41 -38.81
N LEU A 221 -9.23 -10.63 -38.16
CA LEU A 221 -8.30 -11.66 -38.60
C LEU A 221 -8.59 -13.00 -37.90
N ASP A 222 -8.65 -14.07 -38.71
CA ASP A 222 -8.77 -15.42 -38.17
C ASP A 222 -7.37 -15.83 -37.64
N SER A 223 -7.25 -16.98 -36.96
CA SER A 223 -5.96 -17.41 -36.36
C SER A 223 -4.79 -17.48 -37.33
N GLN A 224 -5.03 -18.04 -38.55
CA GLN A 224 -4.00 -18.14 -39.58
C GLN A 224 -3.50 -16.77 -40.02
N ARG A 225 -4.43 -15.78 -40.13
CA ARG A 225 -4.08 -14.41 -40.50
C ARG A 225 -3.40 -13.70 -39.33
N LYS A 226 -3.76 -14.06 -38.10
CA LYS A 226 -3.09 -13.50 -36.92
C LYS A 226 -1.63 -13.93 -36.91
N LEU A 227 -1.34 -15.22 -37.25
CA LEU A 227 0.04 -15.71 -37.38
C LEU A 227 0.79 -14.94 -38.47
N GLN A 228 0.13 -14.67 -39.62
CA GLN A 228 0.75 -13.94 -40.73
C GLN A 228 1.11 -12.50 -40.28
N PHE A 229 0.23 -11.89 -39.45
CA PHE A 229 0.44 -10.56 -38.91
C PHE A 229 1.79 -10.50 -38.21
N TYR A 230 2.10 -11.51 -37.36
CA TYR A 230 3.39 -11.58 -36.65
C TYR A 230 4.54 -11.93 -37.58
N GLU A 231 4.29 -12.83 -38.54
CA GLU A 231 5.30 -13.28 -39.52
C GLU A 231 5.87 -12.10 -40.34
N ASP A 232 4.98 -11.15 -40.70
CA ASP A 232 5.34 -9.96 -41.48
C ASP A 232 5.67 -8.76 -40.60
N ARG A 233 5.80 -8.98 -39.27
CA ARG A 233 6.22 -7.96 -38.30
C ARG A 233 5.37 -6.68 -38.35
N HIS A 234 4.06 -6.86 -38.46
CA HIS A 234 3.15 -5.69 -38.46
C HIS A 234 2.99 -5.11 -37.05
N GLN A 235 2.58 -3.86 -37.01
CA GLN A 235 2.25 -3.08 -35.79
C GLN A 235 0.74 -2.80 -35.86
N LEU A 236 0.08 -2.64 -34.71
CA LEU A 236 -1.34 -2.28 -34.70
C LEU A 236 -1.53 -0.88 -35.27
N PRO A 237 -2.69 -0.57 -35.87
CA PRO A 237 -2.92 0.78 -36.39
C PRO A 237 -3.01 1.76 -35.23
N ALA A 238 -2.59 3.02 -35.44
CA ALA A 238 -2.69 4.00 -34.36
C ALA A 238 -4.18 4.22 -34.02
N PRO A 239 -4.56 4.23 -32.74
CA PRO A 239 -5.99 4.50 -32.41
C PRO A 239 -6.36 5.93 -32.85
N LYS A 240 -7.66 6.22 -33.18
CA LYS A 240 -8.11 7.56 -33.59
C LYS A 240 -7.65 8.64 -32.59
N ALA A 241 -7.74 8.31 -31.29
CA ALA A 241 -7.22 9.11 -30.18
C ALA A 241 -5.80 8.57 -30.06
N ALA A 242 -4.87 9.18 -30.82
CA ALA A 242 -3.49 8.71 -31.00
C ALA A 242 -2.47 9.22 -29.99
N GLU A 243 -2.88 9.90 -28.91
CA GLU A 243 -1.95 10.44 -27.89
C GLU A 243 -1.00 9.39 -27.27
N LEU A 244 -1.44 8.11 -27.24
CA LEU A 244 -0.68 7.01 -26.67
C LEU A 244 -0.17 6.03 -27.72
N ALA A 245 -0.31 6.37 -29.03
CA ALA A 245 0.13 5.51 -30.14
C ALA A 245 1.61 5.12 -30.03
N ASN A 246 2.50 6.11 -29.77
CA ASN A 246 3.93 5.81 -29.63
C ASN A 246 4.23 4.89 -28.48
N LEU A 247 3.54 5.10 -27.34
CA LEU A 247 3.76 4.24 -26.19
C LEU A 247 3.31 2.80 -26.49
N ILE A 248 2.17 2.64 -27.18
CA ILE A 248 1.65 1.31 -27.56
C ILE A 248 2.72 0.57 -28.37
N ASN A 249 3.28 1.24 -29.40
CA ASN A 249 4.31 0.63 -30.25
C ASN A 249 5.61 0.36 -29.53
N ASN A 250 6.01 1.25 -28.60
CA ASN A 250 7.23 1.02 -27.81
C ASN A 250 7.10 -0.20 -26.90
N CYS A 251 5.88 -0.43 -26.35
CA CYS A 251 5.60 -1.62 -25.53
C CYS A 251 5.56 -2.88 -26.36
N MET A 252 4.92 -2.80 -27.54
CA MET A 252 4.73 -3.91 -28.48
C MET A 252 5.92 -4.03 -29.40
N ASP A 253 7.09 -4.14 -28.77
CA ASP A 253 8.34 -4.26 -29.49
C ASP A 253 8.59 -5.76 -29.76
N TYR A 254 8.88 -6.12 -31.03
CA TYR A 254 9.17 -7.51 -31.39
C TYR A 254 10.41 -8.07 -30.66
N GLU A 255 11.33 -7.20 -30.16
CA GLU A 255 12.47 -7.63 -29.36
C GLU A 255 12.07 -7.53 -27.87
N PRO A 256 11.81 -8.66 -27.17
CA PRO A 256 11.38 -8.59 -25.75
C PRO A 256 12.33 -7.83 -24.85
N ASP A 257 13.66 -7.93 -25.13
CA ASP A 257 14.68 -7.29 -24.31
C ASP A 257 14.64 -5.77 -24.35
N HIS A 258 14.01 -5.20 -25.39
CA HIS A 258 13.95 -3.74 -25.56
C HIS A 258 12.66 -3.13 -25.02
N ARG A 259 11.72 -3.96 -24.54
CA ARG A 259 10.47 -3.41 -24.02
C ARG A 259 10.78 -2.62 -22.77
N PRO A 260 10.27 -1.38 -22.68
CA PRO A 260 10.62 -0.53 -21.54
C PRO A 260 10.10 -1.01 -20.20
N SER A 261 10.83 -0.66 -19.12
CA SER A 261 10.42 -1.00 -17.77
C SER A 261 9.08 -0.32 -17.45
N PHE A 262 8.30 -0.85 -16.50
CA PHE A 262 7.07 -0.17 -16.15
C PHE A 262 7.32 1.19 -15.50
N ARG A 263 8.49 1.34 -14.83
CA ARG A 263 8.91 2.63 -14.26
C ARG A 263 9.07 3.65 -15.41
N ALA A 264 9.71 3.26 -16.54
CA ALA A 264 9.86 4.15 -17.71
C ALA A 264 8.48 4.43 -18.35
N ILE A 265 7.59 3.43 -18.36
CA ILE A 265 6.22 3.57 -18.89
C ILE A 265 5.43 4.61 -18.09
N ILE A 266 5.50 4.51 -16.76
CA ILE A 266 4.84 5.49 -15.86
C ILE A 266 5.35 6.90 -16.10
N ARG A 267 6.68 7.06 -16.21
CA ARG A 267 7.28 8.38 -16.45
C ARG A 267 6.83 8.92 -17.79
N ASP A 268 6.72 8.05 -18.81
CA ASP A 268 6.20 8.47 -20.10
C ASP A 268 4.74 8.92 -19.99
N LEU A 269 3.89 8.15 -19.29
CA LEU A 269 2.50 8.55 -19.11
C LEU A 269 2.39 9.86 -18.35
N ASN A 270 3.24 10.05 -17.32
CA ASN A 270 3.25 11.26 -16.50
C ASN A 270 3.68 12.51 -17.28
N SER A 271 4.49 12.33 -18.36
CA SER A 271 4.98 13.44 -19.19
C SER A 271 3.96 13.90 -20.25
N LEU A 272 2.88 13.11 -20.48
CA LEU A 272 1.80 13.43 -21.42
C LEU A 272 0.98 14.61 -20.93
N PHE B 1 -3.80 19.56 32.64
CA PHE B 1 -2.62 18.78 33.03
C PHE B 1 -2.34 18.85 34.52
N HIS B 2 -1.87 17.72 35.11
CA HIS B 2 -1.48 17.64 36.51
C HIS B 2 -0.25 18.53 36.68
N LYS B 3 -0.27 19.37 37.74
CA LYS B 3 0.84 20.27 38.05
C LYS B 3 1.77 19.56 39.03
N ILE B 4 3.04 19.35 38.63
CA ILE B 4 4.05 18.72 39.49
C ILE B 4 4.81 19.85 40.20
N ARG B 5 4.92 19.76 41.54
CA ARG B 5 5.64 20.76 42.35
C ARG B 5 7.13 20.83 41.95
N ASN B 6 7.68 22.04 41.90
CA ASN B 6 9.09 22.29 41.56
C ASN B 6 10.01 21.47 42.46
N GLU B 7 9.73 21.46 43.78
CA GLU B 7 10.49 20.75 44.80
C GLU B 7 10.49 19.23 44.58
N ASP B 8 9.50 18.70 43.82
CA ASP B 8 9.37 17.28 43.57
C ASP B 8 10.05 16.80 42.29
N LEU B 9 10.64 17.72 41.51
CA LEU B 9 11.31 17.41 40.25
C LEU B 9 12.77 17.86 40.26
N ILE B 10 13.66 16.95 39.85
CA ILE B 10 15.10 17.20 39.78
C ILE B 10 15.57 16.85 38.36
N PHE B 11 16.33 17.75 37.73
CA PHE B 11 16.89 17.53 36.40
C PHE B 11 18.17 16.76 36.50
N ASN B 12 18.32 15.74 35.66
CA ASN B 12 19.56 14.99 35.53
C ASN B 12 20.11 15.17 34.11
N GLU B 13 20.69 14.12 33.54
CA GLU B 13 21.44 14.24 32.29
C GLU B 13 20.65 14.66 31.08
N SER B 14 21.32 15.43 30.19
CA SER B 14 20.78 15.81 28.89
C SER B 14 20.78 14.52 28.07
N LEU B 15 19.66 14.21 27.43
CA LEU B 15 19.53 13.02 26.59
C LEU B 15 19.54 13.33 25.09
N GLY B 16 19.09 14.53 24.74
CA GLY B 16 19.05 14.92 23.33
C GLY B 16 18.16 16.11 23.12
N GLN B 17 17.58 16.15 21.92
CA GLN B 17 16.73 17.26 21.56
C GLN B 17 15.62 16.83 20.63
N GLY B 18 14.55 17.62 20.67
CA GLY B 18 13.41 17.48 19.78
C GLY B 18 13.30 18.80 19.05
N THR B 19 12.21 18.98 18.29
CA THR B 19 12.00 20.22 17.55
C THR B 19 11.78 21.38 18.51
N PHE B 20 12.78 22.31 18.60
CA PHE B 20 12.80 23.49 19.49
C PHE B 20 12.76 23.11 20.99
N THR B 21 13.20 21.88 21.31
CA THR B 21 13.21 21.41 22.69
C THR B 21 14.54 20.77 23.09
N LYS B 22 14.77 20.71 24.40
CA LYS B 22 15.93 20.05 25.00
C LYS B 22 15.33 18.96 25.88
N ILE B 23 15.91 17.78 25.85
CA ILE B 23 15.35 16.61 26.54
C ILE B 23 16.32 16.12 27.58
N PHE B 24 15.80 15.89 28.79
CA PHE B 24 16.59 15.46 29.93
C PHE B 24 15.96 14.28 30.62
N LYS B 25 16.79 13.52 31.32
CA LYS B 25 16.33 12.52 32.26
C LYS B 25 16.10 13.34 33.55
N GLY B 26 15.15 12.92 34.35
CA GLY B 26 14.89 13.59 35.62
C GLY B 26 14.37 12.62 36.68
N VAL B 27 14.14 13.13 37.88
CA VAL B 27 13.58 12.30 38.97
C VAL B 27 12.45 13.07 39.58
N ARG B 28 11.34 12.40 39.78
CA ARG B 28 10.17 12.97 40.41
C ARG B 28 9.92 12.18 41.70
N ARG B 29 9.67 12.89 42.80
CA ARG B 29 9.33 12.28 44.08
C ARG B 29 7.80 12.34 44.13
N GLU B 30 7.12 11.18 44.30
CA GLU B 30 5.66 11.16 44.26
C GLU B 30 5.04 10.13 45.18
N VAL B 31 3.78 10.39 45.60
CA VAL B 31 2.97 9.47 46.40
C VAL B 31 2.33 8.51 45.41
N GLY B 32 2.57 7.21 45.61
CA GLY B 32 2.10 6.16 44.71
C GLY B 32 1.03 5.31 45.32
N ASP B 33 0.85 4.09 44.76
CA ASP B 33 -0.15 3.14 45.26
C ASP B 33 0.10 2.81 46.72
N TYR B 34 -0.98 2.72 47.51
CA TYR B 34 -0.93 2.41 48.94
C TYR B 34 -0.17 3.50 49.74
N GLY B 35 -0.04 4.70 49.16
CA GLY B 35 0.64 5.82 49.80
C GLY B 35 2.14 5.69 49.90
N GLN B 36 2.73 4.74 49.14
CA GLN B 36 4.17 4.51 49.14
C GLN B 36 4.84 5.67 48.40
N LEU B 37 5.93 6.21 48.96
CA LEU B 37 6.68 7.27 48.30
C LEU B 37 7.67 6.63 47.34
N HIS B 38 7.73 7.12 46.10
CA HIS B 38 8.64 6.61 45.09
C HIS B 38 9.46 7.76 44.54
N GLU B 39 10.66 7.45 44.07
CA GLU B 39 11.56 8.36 43.36
C GLU B 39 11.53 7.74 41.98
N THR B 40 10.72 8.33 41.10
CA THR B 40 10.47 7.80 39.77
C THR B 40 11.29 8.54 38.73
N GLU B 41 11.98 7.78 37.85
CA GLU B 41 12.71 8.37 36.73
C GLU B 41 11.67 8.87 35.73
N VAL B 42 11.90 10.08 35.20
CA VAL B 42 10.97 10.72 34.25
C VAL B 42 11.75 11.31 33.07
N LEU B 43 11.04 11.56 31.96
CA LEU B 43 11.57 12.20 30.77
C LEU B 43 11.07 13.65 30.80
N LEU B 44 11.99 14.61 30.71
CA LEU B 44 11.66 16.02 30.77
C LEU B 44 11.87 16.65 29.42
N LYS B 45 10.81 17.22 28.83
CA LYS B 45 10.92 17.91 27.56
C LYS B 45 10.79 19.40 27.86
N VAL B 46 11.83 20.18 27.56
CA VAL B 46 11.87 21.62 27.87
C VAL B 46 11.84 22.41 26.57
N LEU B 47 10.82 23.27 26.40
CA LEU B 47 10.74 24.11 25.21
C LEU B 47 11.79 25.22 25.29
N ASP B 48 12.57 25.43 24.21
CA ASP B 48 13.61 26.46 24.17
C ASP B 48 13.03 27.85 24.43
N LYS B 49 13.73 28.67 25.25
CA LYS B 49 13.31 30.03 25.59
C LYS B 49 13.12 30.92 24.34
N ALA B 50 13.98 30.73 23.34
CA ALA B 50 13.93 31.47 22.08
C ALA B 50 12.72 31.09 21.23
N HIS B 51 12.03 29.98 21.58
CA HIS B 51 10.88 29.48 20.82
C HIS B 51 9.59 29.41 21.66
N ARG B 52 9.43 30.34 22.64
CA ARG B 52 8.24 30.45 23.51
C ARG B 52 6.96 30.65 22.70
N ASN B 53 7.08 31.20 21.48
CA ASN B 53 5.97 31.40 20.56
C ASN B 53 5.22 30.08 20.25
N TYR B 54 5.89 28.92 20.38
CA TYR B 54 5.29 27.61 20.13
C TYR B 54 4.71 26.92 21.37
N SER B 55 4.67 27.60 22.54
CA SER B 55 4.18 27.00 23.80
C SER B 55 2.79 26.34 23.67
N GLU B 56 1.81 27.00 23.00
CA GLU B 56 0.47 26.43 22.78
C GLU B 56 0.52 25.08 22.06
N SER B 57 1.23 25.01 20.91
CA SER B 57 1.32 23.76 20.16
C SER B 57 2.13 22.70 20.90
N PHE B 58 3.15 23.12 21.66
CA PHE B 58 4.01 22.25 22.45
C PHE B 58 3.16 21.50 23.50
N PHE B 59 2.31 22.24 24.25
CA PHE B 59 1.44 21.60 25.23
C PHE B 59 0.25 20.87 24.63
N GLU B 60 -0.29 21.36 23.49
CA GLU B 60 -1.45 20.73 22.82
C GLU B 60 -1.13 19.30 22.35
N ALA B 61 0.10 19.07 21.89
CA ALA B 61 0.61 17.78 21.41
C ALA B 61 0.56 16.70 22.48
N ALA B 62 0.92 17.05 23.72
CA ALA B 62 0.89 16.05 24.77
C ALA B 62 -0.49 15.92 25.38
N SER B 63 -1.25 17.02 25.41
CA SER B 63 -2.59 17.06 25.98
C SER B 63 -3.59 16.14 25.29
N MET B 64 -3.63 16.15 23.96
CA MET B 64 -4.60 15.38 23.18
C MET B 64 -4.39 13.87 23.27
N MET B 65 -3.17 13.44 23.62
CA MET B 65 -2.85 12.03 23.81
C MET B 65 -2.98 11.58 25.27
N SER B 66 -2.88 12.54 26.22
CA SER B 66 -3.07 12.27 27.65
C SER B 66 -4.56 12.04 27.96
N LYS B 67 -5.46 12.42 27.02
CA LYS B 67 -6.91 12.23 27.17
C LYS B 67 -7.29 10.79 26.83
N LEU B 68 -6.38 10.06 26.18
CA LEU B 68 -6.58 8.66 25.81
C LEU B 68 -5.63 7.77 26.62
N SER B 69 -6.06 6.55 26.86
CA SER B 69 -5.24 5.56 27.54
C SER B 69 -5.15 4.40 26.58
N HIS B 70 -3.95 3.93 26.32
CA HIS B 70 -3.72 2.76 25.45
C HIS B 70 -2.39 2.16 25.82
N LYS B 71 -2.27 0.81 25.77
CA LYS B 71 -1.01 0.14 26.16
C LYS B 71 0.20 0.59 25.33
N HIS B 72 -0.02 0.99 24.07
CA HIS B 72 1.06 1.45 23.19
C HIS B 72 1.20 2.98 23.04
N LEU B 73 0.60 3.75 23.95
CA LEU B 73 0.76 5.22 23.94
C LEU B 73 1.44 5.67 25.24
N VAL B 74 2.41 6.58 25.10
CA VAL B 74 3.18 7.13 26.23
C VAL B 74 2.30 7.64 27.35
N LEU B 75 2.80 7.49 28.57
CA LEU B 75 2.18 8.02 29.77
C LEU B 75 2.77 9.41 30.05
N ASN B 76 1.89 10.41 30.15
CA ASN B 76 2.22 11.79 30.52
C ASN B 76 1.96 11.95 31.99
N TYR B 77 2.90 12.52 32.73
CA TYR B 77 2.76 12.67 34.19
C TYR B 77 2.22 14.02 34.55
N GLY B 78 2.57 15.02 33.75
CA GLY B 78 2.11 16.38 33.94
C GLY B 78 3.06 17.45 33.45
N VAL B 79 2.97 18.64 34.07
CA VAL B 79 3.78 19.81 33.76
C VAL B 79 4.43 20.45 34.99
N CYS B 80 5.51 21.20 34.75
CA CYS B 80 6.25 21.96 35.77
C CYS B 80 6.71 23.29 35.18
N GLU B 85 10.04 28.13 33.09
CA GLU B 85 10.29 27.20 32.00
C GLU B 85 9.05 26.38 31.64
N ASN B 86 8.89 26.06 30.33
CA ASN B 86 7.78 25.24 29.84
C ASN B 86 8.28 23.80 29.78
N ILE B 87 7.92 23.00 30.80
CA ILE B 87 8.40 21.61 30.93
C ILE B 87 7.29 20.55 30.93
N LEU B 88 7.47 19.53 30.08
CA LEU B 88 6.57 18.41 29.95
CA LEU B 88 6.57 18.39 29.95
C LEU B 88 7.19 17.21 30.67
N VAL B 89 6.42 16.51 31.49
CA VAL B 89 6.97 15.38 32.23
C VAL B 89 6.30 14.11 31.73
N GLN B 90 7.10 13.14 31.24
CA GLN B 90 6.56 11.86 30.72
C GLN B 90 7.30 10.66 31.32
N GLU B 91 6.78 9.44 31.07
CA GLU B 91 7.44 8.23 31.56
C GLU B 91 8.82 8.10 30.89
N PHE B 92 9.79 7.52 31.61
CA PHE B 92 11.14 7.32 31.13
C PHE B 92 11.42 5.83 30.98
N VAL B 93 12.16 5.45 29.93
CA VAL B 93 12.59 4.06 29.71
C VAL B 93 14.10 4.07 29.56
N LYS B 94 14.79 3.09 30.14
CA LYS B 94 16.24 3.02 30.05
C LYS B 94 16.72 2.68 28.65
N PHE B 95 15.84 2.05 27.85
CA PHE B 95 16.22 1.55 26.53
C PHE B 95 16.26 2.59 25.42
N GLY B 96 15.75 3.80 25.69
CA GLY B 96 15.76 4.89 24.73
C GLY B 96 14.77 4.76 23.61
N SER B 97 14.98 5.57 22.58
CA SER B 97 14.11 5.59 21.42
C SER B 97 14.36 4.42 20.48
N LEU B 98 13.34 4.06 19.69
CA LEU B 98 13.42 2.95 18.77
C LEU B 98 14.53 3.12 17.73
N ASP B 99 14.70 4.32 17.20
CA ASP B 99 15.72 4.56 16.15
C ASP B 99 17.14 4.21 16.62
N THR B 100 17.51 4.66 17.84
CA THR B 100 18.83 4.35 18.36
C THR B 100 18.93 2.87 18.76
N TYR B 101 17.83 2.29 19.28
CA TYR B 101 17.83 0.89 19.67
C TYR B 101 18.08 -0.01 18.43
N LEU B 102 17.40 0.30 17.30
CA LEU B 102 17.55 -0.46 16.06
C LEU B 102 19.01 -0.45 15.59
N LYS B 103 19.67 0.71 15.67
CA LYS B 103 21.04 0.91 15.22
C LYS B 103 22.04 0.16 16.13
N LYS B 104 21.89 0.29 17.46
CA LYS B 104 22.77 -0.36 18.42
C LYS B 104 22.64 -1.89 18.39
N ASN B 105 21.45 -2.40 18.06
CA ASN B 105 21.17 -3.84 18.05
C ASN B 105 20.85 -4.43 16.67
N LYS B 106 21.36 -3.79 15.59
CA LYS B 106 21.13 -4.19 14.20
C LYS B 106 21.49 -5.64 13.89
N ASN B 107 22.61 -6.15 14.46
CA ASN B 107 23.06 -7.53 14.24
C ASN B 107 22.22 -8.59 14.98
N CYS B 108 21.45 -8.19 16.02
CA CYS B 108 20.64 -9.08 16.86
C CYS B 108 19.13 -9.03 16.59
N ILE B 109 18.68 -8.05 15.81
CA ILE B 109 17.26 -7.88 15.50
C ILE B 109 16.88 -8.59 14.19
N ASN B 110 16.00 -9.59 14.29
CA ASN B 110 15.55 -10.35 13.13
C ASN B 110 14.18 -9.88 12.60
N ILE B 111 13.71 -10.51 11.51
CA ILE B 111 12.43 -10.14 10.89
C ILE B 111 11.24 -10.32 11.84
N LEU B 112 11.26 -11.36 12.71
CA LEU B 112 10.14 -11.54 13.64
C LEU B 112 10.04 -10.43 14.68
N TRP B 113 11.21 -9.91 15.14
CA TRP B 113 11.29 -8.78 16.07
C TRP B 113 10.67 -7.56 15.37
N LYS B 114 11.12 -7.28 14.13
CA LYS B 114 10.63 -6.15 13.32
C LYS B 114 9.12 -6.24 13.09
N LEU B 115 8.62 -7.44 12.74
CA LEU B 115 7.19 -7.67 12.51
C LEU B 115 6.37 -7.38 13.78
N GLU B 116 6.86 -7.86 14.94
CA GLU B 116 6.18 -7.65 16.23
C GLU B 116 6.09 -6.17 16.52
N VAL B 117 7.20 -5.43 16.38
CA VAL B 117 7.19 -4.00 16.65
C VAL B 117 6.28 -3.26 15.64
N ALA B 118 6.29 -3.69 14.34
CA ALA B 118 5.40 -3.09 13.33
C ALA B 118 3.92 -3.30 13.73
N LYS B 119 3.57 -4.50 14.20
CA LYS B 119 2.18 -4.80 14.63
C LYS B 119 1.75 -3.91 15.79
N GLN B 120 2.67 -3.70 16.74
CA GLN B 120 2.39 -2.85 17.90
C GLN B 120 2.16 -1.39 17.46
N LEU B 121 3.05 -0.85 16.60
CA LEU B 121 2.87 0.51 16.11
C LEU B 121 1.55 0.61 15.32
N ALA B 122 1.25 -0.41 14.48
CA ALA B 122 -0.02 -0.40 13.72
C ALA B 122 -1.23 -0.44 14.70
N ALA B 123 -1.11 -1.17 15.83
CA ALA B 123 -2.18 -1.23 16.84
C ALA B 123 -2.46 0.17 17.45
N ALA B 124 -1.40 0.92 17.76
CA ALA B 124 -1.52 2.27 18.32
C ALA B 124 -2.17 3.14 17.28
N MET B 125 -1.72 3.03 16.02
CA MET B 125 -2.26 3.88 14.95
C MET B 125 -3.73 3.59 14.64
N HIS B 126 -4.14 2.31 14.69
CA HIS B 126 -5.52 1.90 14.50
C HIS B 126 -6.40 2.52 15.60
N PHE B 127 -5.89 2.51 16.86
CA PHE B 127 -6.60 3.09 18.00
C PHE B 127 -6.80 4.59 17.77
N LEU B 128 -5.74 5.28 17.32
CA LEU B 128 -5.85 6.72 17.04
C LEU B 128 -6.83 6.98 15.89
N GLU B 129 -6.78 6.17 14.82
CA GLU B 129 -7.66 6.31 13.65
C GLU B 129 -9.12 6.13 14.08
N GLU B 130 -9.41 5.08 14.90
CA GLU B 130 -10.76 4.80 15.42
C GLU B 130 -11.29 5.97 16.25
N ASN B 131 -10.37 6.72 16.90
CA ASN B 131 -10.70 7.90 17.71
C ASN B 131 -10.63 9.19 16.88
N THR B 132 -10.41 9.07 15.55
CA THR B 132 -10.27 10.20 14.60
C THR B 132 -9.28 11.25 15.14
N LEU B 133 -8.17 10.76 15.70
CA LEU B 133 -7.15 11.66 16.25
C LEU B 133 -5.90 11.61 15.39
N ILE B 134 -5.50 12.75 14.87
CA ILE B 134 -4.26 12.85 14.07
C ILE B 134 -3.05 12.90 14.99
N HIS B 135 -2.00 12.14 14.66
CA HIS B 135 -0.75 12.23 15.44
C HIS B 135 0.11 13.30 14.79
N GLY B 136 0.49 13.09 13.52
CA GLY B 136 1.22 14.10 12.76
C GLY B 136 2.73 14.07 12.83
N ASN B 137 3.30 13.18 13.65
CA ASN B 137 4.77 13.05 13.68
C ASN B 137 5.19 11.63 14.04
N VAL B 138 4.70 10.65 13.26
CA VAL B 138 5.07 9.25 13.48
C VAL B 138 6.46 9.01 12.93
N CYS B 139 7.40 8.62 13.80
CA CYS B 139 8.78 8.31 13.42
C CYS B 139 9.41 7.48 14.52
N ALA B 140 10.48 6.76 14.18
CA ALA B 140 11.12 5.88 15.18
C ALA B 140 11.72 6.66 16.35
N LYS B 141 12.13 7.95 16.13
CA LYS B 141 12.68 8.76 17.23
C LYS B 141 11.60 9.04 18.30
N ASN B 142 10.32 9.02 17.91
CA ASN B 142 9.20 9.30 18.80
C ASN B 142 8.61 8.02 19.41
N ILE B 143 9.28 6.90 19.23
CA ILE B 143 8.82 5.63 19.80
C ILE B 143 9.80 5.20 20.90
N LEU B 144 9.27 4.79 22.06
CA LEU B 144 10.11 4.33 23.17
C LEU B 144 10.07 2.83 23.28
N LEU B 145 11.22 2.21 23.54
CA LEU B 145 11.26 0.77 23.77
C LEU B 145 11.12 0.53 25.29
N ILE B 146 9.97 0.00 25.71
CA ILE B 146 9.63 -0.30 27.10
C ILE B 146 10.37 -1.53 27.59
N ARG B 147 10.39 -2.55 26.76
CA ARG B 147 10.91 -3.85 27.15
C ARG B 147 11.63 -4.50 25.99
N GLU B 148 12.79 -5.10 26.30
CA GLU B 148 13.54 -5.80 25.27
C GLU B 148 12.91 -7.20 25.13
N GLU B 149 13.21 -7.85 24.01
CA GLU B 149 12.78 -9.24 23.79
C GLU B 149 13.47 -10.10 24.83
N ASP B 150 12.72 -11.00 25.47
CA ASP B 150 13.25 -11.96 26.44
C ASP B 150 12.62 -13.28 26.09
N ARG B 151 13.25 -14.02 25.17
CA ARG B 151 12.75 -15.30 24.69
C ARG B 151 12.63 -16.35 25.81
N LYS B 152 13.51 -16.25 26.85
CA LYS B 152 13.52 -17.16 28.01
C LYS B 152 12.18 -17.18 28.75
N THR B 153 11.49 -16.01 28.83
CA THR B 153 10.20 -15.88 29.50
C THR B 153 9.03 -15.72 28.51
N GLY B 154 9.34 -15.75 27.21
CA GLY B 154 8.34 -15.63 26.16
C GLY B 154 7.82 -14.22 26.01
N ASN B 155 8.65 -13.24 26.36
CA ASN B 155 8.29 -11.84 26.22
C ASN B 155 8.81 -11.25 24.93
N PRO B 156 7.91 -10.78 24.04
CA PRO B 156 8.39 -10.05 22.85
C PRO B 156 8.88 -8.65 23.25
N PRO B 157 9.55 -7.89 22.34
CA PRO B 157 9.87 -6.48 22.67
C PRO B 157 8.54 -5.72 22.77
N PHE B 158 8.51 -4.61 23.49
CA PHE B 158 7.25 -3.85 23.64
C PHE B 158 7.59 -2.36 23.44
N ILE B 159 6.80 -1.67 22.63
CA ILE B 159 7.06 -0.23 22.35
C ILE B 159 5.83 0.61 22.70
N LYS B 160 6.08 1.91 22.81
CA LYS B 160 5.02 2.91 22.94
C LYS B 160 5.33 4.07 22.04
N LEU B 161 4.28 4.66 21.44
CA LEU B 161 4.40 5.85 20.62
C LEU B 161 4.20 7.07 21.52
N SER B 162 5.13 8.03 21.43
CA SER B 162 5.04 9.26 22.22
C SER B 162 4.30 10.36 21.45
N ASP B 163 4.23 11.57 22.01
CA ASP B 163 3.51 12.67 21.38
C ASP B 163 4.23 13.25 20.16
N PRO B 164 3.51 13.94 19.28
CA PRO B 164 4.15 14.46 18.05
C PRO B 164 5.03 15.70 18.19
N GLY B 165 4.94 16.35 19.35
CA GLY B 165 5.63 17.63 19.57
C GLY B 165 4.91 18.73 18.80
N ILE B 166 5.57 19.88 18.61
CA ILE B 166 4.96 21.03 17.91
C ILE B 166 4.45 20.60 16.54
N SER B 167 3.18 20.94 16.23
CA SER B 167 2.50 20.58 14.98
C SER B 167 3.18 21.09 13.71
N ILE B 168 3.17 20.27 12.63
CA ILE B 168 3.70 20.74 11.33
C ILE B 168 2.85 21.90 10.77
N THR B 169 1.62 22.09 11.27
CA THR B 169 0.76 23.21 10.83
C THR B 169 1.29 24.59 11.27
N VAL B 170 2.20 24.63 12.26
CA VAL B 170 2.77 25.89 12.76
C VAL B 170 4.30 25.97 12.57
N LEU B 171 4.94 24.89 12.13
CA LEU B 171 6.39 24.90 11.97
C LEU B 171 6.85 25.63 10.70
N PRO B 172 8.08 26.23 10.69
CA PRO B 172 8.55 26.87 9.46
C PRO B 172 8.78 25.84 8.35
N LYS B 173 8.73 26.30 7.10
CA LYS B 173 8.90 25.45 5.90
C LYS B 173 10.21 24.66 5.87
N ASP B 174 11.33 25.28 6.33
CA ASP B 174 12.66 24.63 6.34
C ASP B 174 12.69 23.34 7.20
N ILE B 175 12.03 23.36 8.37
CA ILE B 175 11.92 22.19 9.25
C ILE B 175 11.08 21.11 8.52
N LEU B 176 9.93 21.50 7.96
CA LEU B 176 9.06 20.54 7.25
C LEU B 176 9.83 19.84 6.10
N GLN B 177 10.65 20.63 5.38
CA GLN B 177 11.42 20.08 4.27
C GLN B 177 12.49 19.12 4.78
N GLU B 178 13.15 19.45 5.91
CA GLU B 178 14.13 18.55 6.51
C GLU B 178 13.49 17.25 6.94
N ARG B 179 12.18 17.29 7.28
CA ARG B 179 11.39 16.13 7.74
C ARG B 179 10.88 15.22 6.61
N ILE B 180 11.20 15.54 5.36
CA ILE B 180 10.87 14.61 4.26
C ILE B 180 11.83 13.45 4.47
N PRO B 181 11.41 12.16 4.37
CA PRO B 181 10.14 11.67 3.86
C PRO B 181 9.12 11.24 4.92
N TRP B 182 9.22 11.75 6.16
CA TRP B 182 8.20 11.45 7.16
C TRP B 182 6.98 12.35 6.87
N VAL B 183 7.24 13.63 6.55
CA VAL B 183 6.17 14.57 6.18
C VAL B 183 5.75 14.21 4.73
N PRO B 184 4.46 13.92 4.51
CA PRO B 184 4.02 13.51 3.17
C PRO B 184 3.99 14.63 2.15
N PRO B 185 3.95 14.28 0.85
CA PRO B 185 3.99 15.34 -0.19
C PRO B 185 2.91 16.40 -0.10
N GLU B 186 1.67 16.02 0.28
CA GLU B 186 0.57 17.00 0.37
C GLU B 186 0.82 18.04 1.46
N CYS B 187 1.53 17.66 2.53
CA CYS B 187 1.85 18.59 3.61
C CYS B 187 3.00 19.52 3.26
N ILE B 188 3.85 19.09 2.33
CA ILE B 188 4.91 19.96 1.78
C ILE B 188 4.23 20.98 0.87
N GLU B 189 3.24 20.52 0.12
CA GLU B 189 2.43 21.41 -0.76
C GLU B 189 1.67 22.41 0.11
N ASN B 190 1.06 21.93 1.18
CA ASN B 190 0.35 22.83 2.12
C ASN B 190 0.23 22.15 3.48
N PRO B 191 0.79 22.68 4.57
CA PRO B 191 0.67 22.05 5.88
C PRO B 191 -0.77 21.91 6.36
N LYS B 192 -1.66 22.77 5.87
CA LYS B 192 -3.09 22.66 6.23
C LYS B 192 -3.66 21.28 5.84
N ASN B 193 -2.97 20.55 4.94
CA ASN B 193 -3.38 19.23 4.46
C ASN B 193 -3.19 18.14 5.49
N LEU B 194 -2.66 18.47 6.70
CA LEU B 194 -2.49 17.50 7.77
C LEU B 194 -3.83 16.82 8.00
N ASN B 195 -3.84 15.49 7.98
CA ASN B 195 -5.07 14.68 8.01
C ASN B 195 -4.70 13.30 8.56
N LEU B 196 -5.71 12.45 8.85
CA LEU B 196 -5.41 11.07 9.27
C LEU B 196 -4.56 10.37 8.21
N ALA B 197 -4.74 10.74 6.90
CA ALA B 197 -3.95 10.16 5.81
C ALA B 197 -2.46 10.44 6.01
N THR B 198 -2.09 11.58 6.64
CA THR B 198 -0.67 11.90 6.90
C THR B 198 0.00 10.77 7.68
N ASP B 199 -0.69 10.24 8.72
CA ASP B 199 -0.13 9.21 9.57
C ASP B 199 0.11 7.88 8.87
N LYS B 200 -0.70 7.58 7.83
CA LYS B 200 -0.48 6.35 7.07
C LYS B 200 0.86 6.46 6.30
N TRP B 201 1.11 7.65 5.71
CA TRP B 201 2.37 7.88 4.98
C TRP B 201 3.56 7.74 5.97
N SER B 202 3.51 8.50 7.08
CA SER B 202 4.58 8.50 8.08
C SER B 202 4.82 7.10 8.70
N PHE B 203 3.74 6.30 8.87
CA PHE B 203 3.85 4.91 9.33
C PHE B 203 4.72 4.11 8.31
N GLY B 204 4.49 4.33 7.01
CA GLY B 204 5.30 3.70 5.97
C GLY B 204 6.76 4.04 6.15
N THR B 205 7.06 5.34 6.37
CA THR B 205 8.45 5.78 6.56
C THR B 205 9.04 5.15 7.83
N THR B 206 8.23 5.03 8.90
CA THR B 206 8.70 4.47 10.17
C THR B 206 8.96 2.97 9.99
N LEU B 207 8.11 2.29 9.23
CA LEU B 207 8.33 0.89 8.96
C LEU B 207 9.64 0.72 8.18
N TRP B 208 9.96 1.66 7.24
CA TRP B 208 11.22 1.59 6.51
C TRP B 208 12.37 1.71 7.54
N GLU B 209 12.25 2.63 8.51
CA GLU B 209 13.28 2.78 9.58
C GLU B 209 13.46 1.45 10.31
N ILE B 210 12.34 0.80 10.68
CA ILE B 210 12.38 -0.47 11.44
C ILE B 210 13.10 -1.55 10.65
N CYS B 211 12.89 -1.59 9.33
CA CYS B 211 13.50 -2.60 8.46
C CYS B 211 14.92 -2.28 8.06
N SER B 212 15.40 -1.05 8.30
CA SER B 212 16.73 -0.58 7.88
C SER B 212 17.78 -0.40 8.99
N GLY B 213 17.55 -1.01 10.14
CA GLY B 213 18.46 -0.94 11.29
C GLY B 213 18.80 0.45 11.77
N GLY B 214 17.79 1.31 11.85
CA GLY B 214 18.00 2.69 12.31
C GLY B 214 18.63 3.65 11.31
N ASP B 215 18.68 3.28 10.00
CA ASP B 215 19.16 4.20 8.97
C ASP B 215 18.05 5.23 8.82
N LYS B 216 18.38 6.45 8.40
CA LYS B 216 17.38 7.50 8.20
C LYS B 216 17.18 7.65 6.70
N PRO B 217 15.96 7.44 6.20
CA PRO B 217 15.75 7.48 4.75
C PRO B 217 16.07 8.85 4.17
N LEU B 218 16.77 8.86 3.02
CA LEU B 218 17.14 10.10 2.32
C LEU B 218 18.04 11.04 3.16
N SER B 219 18.73 10.51 4.18
CA SER B 219 19.62 11.32 5.03
C SER B 219 20.74 11.97 4.19
N ALA B 220 21.11 11.36 3.02
CA ALA B 220 22.14 11.90 2.12
C ALA B 220 21.63 13.10 1.33
N LEU B 221 20.30 13.28 1.28
CA LEU B 221 19.72 14.38 0.51
C LEU B 221 19.52 15.60 1.37
N ASP B 222 19.98 16.77 0.84
CA ASP B 222 19.72 18.05 1.52
C ASP B 222 18.25 18.43 1.25
N SER B 223 17.73 19.50 1.88
CA SER B 223 16.32 19.89 1.75
C SER B 223 15.84 20.10 0.31
N GLN B 224 16.67 20.78 -0.53
CA GLN B 224 16.34 21.02 -1.94
C GLN B 224 16.22 19.71 -2.71
N ARG B 225 17.10 18.74 -2.41
CA ARG B 225 17.06 17.42 -3.06
C ARG B 225 15.89 16.59 -2.52
N LYS B 226 15.53 16.80 -1.25
CA LYS B 226 14.35 16.14 -0.69
C LYS B 226 13.08 16.59 -1.41
N LEU B 227 12.98 17.91 -1.71
CA LEU B 227 11.87 18.45 -2.50
C LEU B 227 11.84 17.82 -3.91
N GLN B 228 13.03 17.66 -4.54
CA GLN B 228 13.12 17.07 -5.88
C GLN B 228 12.65 15.60 -5.86
N PHE B 229 12.98 14.89 -4.76
CA PHE B 229 12.55 13.51 -4.56
C PHE B 229 11.04 13.40 -4.71
N TYR B 230 10.28 14.32 -4.06
CA TYR B 230 8.81 14.34 -4.16
C TYR B 230 8.34 14.81 -5.53
N GLU B 231 9.02 15.82 -6.11
CA GLU B 231 8.69 16.37 -7.43
C GLU B 231 8.70 15.31 -8.52
N ASP B 232 9.68 14.40 -8.45
CA ASP B 232 9.86 13.29 -9.40
C ASP B 232 9.14 12.01 -8.98
N ARG B 233 8.32 12.09 -7.93
CA ARG B 233 7.48 10.98 -7.44
C ARG B 233 8.28 9.70 -7.17
N HIS B 234 9.40 9.86 -6.48
CA HIS B 234 10.22 8.66 -6.19
C HIS B 234 9.65 7.94 -4.96
N GLN B 235 10.05 6.70 -4.84
CA GLN B 235 9.71 5.86 -3.68
C GLN B 235 11.02 5.51 -2.97
N LEU B 236 10.94 5.16 -1.68
CA LEU B 236 12.16 4.77 -0.95
C LEU B 236 12.67 3.44 -1.50
N PRO B 237 13.98 3.17 -1.40
CA PRO B 237 14.50 1.87 -1.82
C PRO B 237 13.97 0.76 -0.92
N ALA B 238 13.80 -0.45 -1.44
CA ALA B 238 13.33 -1.56 -0.59
C ALA B 238 14.41 -1.85 0.46
N PRO B 239 14.05 -2.01 1.75
CA PRO B 239 15.09 -2.36 2.74
C PRO B 239 15.69 -3.74 2.43
N LYS B 240 16.98 -4.02 2.80
CA LYS B 240 17.64 -5.33 2.55
C LYS B 240 16.77 -6.49 3.06
N ALA B 241 16.14 -6.30 4.23
CA ALA B 241 15.15 -7.21 4.81
C ALA B 241 13.85 -6.65 4.20
N ALA B 242 13.50 -7.16 3.00
CA ALA B 242 12.40 -6.66 2.17
C ALA B 242 11.01 -7.25 2.43
N GLU B 243 10.82 -8.03 3.52
CA GLU B 243 9.51 -8.66 3.81
C GLU B 243 8.33 -7.67 3.91
N LEU B 244 8.62 -6.42 4.28
CA LEU B 244 7.62 -5.37 4.46
C LEU B 244 7.71 -4.27 3.39
N ALA B 245 8.54 -4.48 2.33
CA ALA B 245 8.75 -3.49 1.26
C ALA B 245 7.43 -3.09 0.58
N ASN B 246 6.58 -4.08 0.23
CA ASN B 246 5.28 -3.76 -0.41
C ASN B 246 4.39 -2.93 0.49
N LEU B 247 4.34 -3.29 1.79
CA LEU B 247 3.52 -2.54 2.74
C LEU B 247 4.02 -1.09 2.86
N ILE B 248 5.36 -0.88 2.91
CA ILE B 248 5.94 0.46 3.00
C ILE B 248 5.45 1.31 1.81
N ASN B 249 5.56 0.75 0.58
CA ASN B 249 5.13 1.48 -0.63
C ASN B 249 3.63 1.72 -0.69
N ASN B 250 2.81 0.75 -0.21
CA ASN B 250 1.36 0.92 -0.18
C ASN B 250 0.94 2.04 0.77
N CYS B 251 1.69 2.23 1.91
CA CYS B 251 1.36 3.27 2.88
C CYS B 251 1.83 4.62 2.32
N MET B 252 3.02 4.63 1.69
CA MET B 252 3.65 5.83 1.12
C MET B 252 3.12 6.07 -0.28
N ASP B 253 1.79 6.16 -0.36
CA ASP B 253 1.12 6.39 -1.64
C ASP B 253 0.99 7.91 -1.82
N TYR B 254 1.41 8.42 -3.00
CA TYR B 254 1.30 9.86 -3.30
C TYR B 254 -0.15 10.37 -3.28
N GLU B 255 -1.15 9.48 -3.46
CA GLU B 255 -2.56 9.86 -3.35
C GLU B 255 -3.02 9.57 -1.91
N PRO B 256 -3.23 10.62 -1.07
CA PRO B 256 -3.61 10.37 0.34
C PRO B 256 -4.88 9.54 0.49
N ASP B 257 -5.85 9.72 -0.44
CA ASP B 257 -7.13 9.01 -0.37
C ASP B 257 -7.02 7.51 -0.55
N HIS B 258 -5.91 7.03 -1.15
CA HIS B 258 -5.72 5.61 -1.42
C HIS B 258 -4.89 4.89 -0.35
N ARG B 259 -4.39 5.64 0.66
CA ARG B 259 -3.60 4.99 1.69
C ARG B 259 -4.50 4.04 2.48
N PRO B 260 -4.06 2.79 2.70
CA PRO B 260 -4.93 1.81 3.37
C PRO B 260 -5.23 2.14 4.82
N SER B 261 -6.39 1.66 5.30
CA SER B 261 -6.79 1.85 6.71
C SER B 261 -5.81 1.10 7.60
N PHE B 262 -5.68 1.52 8.88
CA PHE B 262 -4.80 0.78 9.77
C PHE B 262 -5.31 -0.65 10.03
N ARG B 263 -6.65 -0.85 9.95
CA ARG B 263 -7.25 -2.19 10.06
C ARG B 263 -6.74 -3.07 8.91
N ALA B 264 -6.69 -2.54 7.66
CA ALA B 264 -6.15 -3.29 6.50
C ALA B 264 -4.65 -3.55 6.70
N ILE B 265 -3.91 -2.57 7.26
CA ILE B 265 -2.47 -2.69 7.55
C ILE B 265 -2.21 -3.83 8.53
N ILE B 266 -2.98 -3.86 9.63
CA ILE B 266 -2.87 -4.93 10.64
C ILE B 266 -3.14 -6.30 10.02
N ARG B 267 -4.19 -6.39 9.17
CA ARG B 267 -4.54 -7.64 8.52
C ARG B 267 -3.44 -8.10 7.60
N ASP B 268 -2.79 -7.15 6.91
CA ASP B 268 -1.64 -7.47 6.07
C ASP B 268 -0.47 -7.96 6.92
N LEU B 269 -0.14 -7.28 8.03
CA LEU B 269 0.95 -7.70 8.91
C LEU B 269 0.69 -9.09 9.48
N ASN B 270 -0.58 -9.36 9.87
CA ASN B 270 -1.00 -10.65 10.43
C ASN B 270 -0.89 -11.81 9.44
N SER B 271 -0.94 -11.52 8.12
CA SER B 271 -0.86 -12.56 7.08
C SER B 271 0.59 -13.01 6.87
N LEU B 272 1.58 -12.14 7.20
CA LEU B 272 3.01 -12.41 7.01
C LEU B 272 3.50 -13.59 7.83
#